data_1EMH
#
_entry.id   1EMH
#
_cell.length_a   48.655
_cell.length_b   64.815
_cell.length_c   94.964
_cell.angle_alpha   90.00
_cell.angle_beta   90.00
_cell.angle_gamma   90.00
#
_symmetry.space_group_name_H-M   'P 21 21 21'
#
loop_
_entity.id
_entity.type
_entity.pdbx_description
1 polymer "DNA (5'-D(*TP*GP*TP*(P2U)P*AP*TP*CP*TP*T)-3')"
2 polymer "DNA (5'-D(*AP*AP*AP*GP*AP*TP*AP*AP*CP*A)-3')"
3 polymer 'URACIL-DNA GLYCOSYLASE'
4 water water
#
loop_
_entity_poly.entity_id
_entity_poly.type
_entity_poly.pdbx_seq_one_letter_code
_entity_poly.pdbx_strand_id
1 'polydeoxyribonucleotide' (DT)(DG)(DT)(P2U)(DA)(DT)(DC)(DT)(DT) B
2 'polydeoxyribonucleotide' (DA)(DA)(DA)(DG)(DA)(DT)(DA)(DA)(DC)(DA) C
3 'polypeptide(L)'
;MEFFGESWKKHLSGEFGKPYFIKLMGFVAEERKHYTVYPPPHQVFTWTQMCDIKDVKVVILGQDPYHGPNQAHGLCFSVQ
RPVPPPPSLENIYKELSTDIEDFVHPGHGDLSGWAKQGVLLLNAVLTVRAHQANSHKERGWEQFTDAVVSWLNQNSNGLV
FLLWGSYAQKKGSAIDRKRHHVLQTAHPSPLSVYRGFFGCRHFSKTNELLQKSGKKPIDWKEL
;
A
#
# COMPACT_ATOMS: atom_id res chain seq x y z
N MET C 1 20.30 -4.13 10.79
CA MET C 1 19.23 -4.15 9.75
C MET C 1 18.11 -5.07 10.17
N GLU C 2 16.88 -4.54 10.22
CA GLU C 2 15.74 -5.35 10.61
C GLU C 2 14.45 -5.19 9.81
N PHE C 3 13.30 -5.58 10.39
CA PHE C 3 12.01 -5.53 9.69
C PHE C 3 11.51 -4.13 9.39
N PHE C 4 11.67 -3.25 10.36
CA PHE C 4 11.28 -1.86 10.23
C PHE C 4 12.44 -1.01 9.76
N GLY C 5 12.22 -0.16 8.76
CA GLY C 5 13.25 0.75 8.29
C GLY C 5 13.47 1.74 9.43
N GLU C 6 14.71 2.17 9.63
CA GLU C 6 15.09 3.07 10.72
C GLU C 6 14.19 4.28 10.98
N SER C 7 13.87 5.05 9.93
CA SER C 7 13.05 6.24 10.07
C SER C 7 11.59 5.96 10.43
N TRP C 8 11.09 4.80 10.02
CA TRP C 8 9.72 4.42 10.30
C TRP C 8 9.59 3.89 11.72
N LYS C 9 10.61 3.16 12.17
CA LYS C 9 10.65 2.61 13.54
C LYS C 9 10.67 3.78 14.54
N LYS C 10 11.47 4.79 14.23
CA LYS C 10 11.63 6.00 15.05
C LYS C 10 10.34 6.78 15.30
N HIS C 11 9.52 6.91 14.25
CA HIS C 11 8.28 7.66 14.32
C HIS C 11 7.01 6.87 14.66
N LEU C 12 7.09 5.54 14.53
CA LEU C 12 5.93 4.67 14.82
C LEU C 12 6.08 3.85 16.10
N SER C 13 7.24 3.98 16.77
CA SER C 13 7.55 3.24 18.00
C SER C 13 6.59 3.41 19.17
N GLY C 14 5.87 4.53 19.17
CA GLY C 14 4.88 4.79 20.20
C GLY C 14 3.72 3.81 20.17
N GLU C 15 3.54 3.12 19.03
CA GLU C 15 2.47 2.14 18.87
C GLU C 15 2.81 0.78 19.46
N PHE C 16 4.10 0.47 19.53
CA PHE C 16 4.60 -0.82 20.00
C PHE C 16 4.19 -1.29 21.38
N GLY C 17 4.08 -0.34 22.31
CA GLY C 17 3.69 -0.65 23.68
C GLY C 17 2.21 -0.52 23.97
N LYS C 18 1.42 -0.17 22.94
CA LYS C 18 -0.02 -0.02 23.09
C LYS C 18 -0.71 -1.39 23.05
N PRO C 19 -1.67 -1.62 23.96
CA PRO C 19 -2.41 -2.89 24.05
C PRO C 19 -2.93 -3.52 22.76
N TYR C 20 -3.50 -2.72 21.85
CA TYR C 20 -4.02 -3.27 20.60
C TYR C 20 -2.92 -3.91 19.74
N PHE C 21 -1.74 -3.28 19.73
CA PHE C 21 -0.62 -3.76 18.92
C PHE C 21 -0.01 -5.03 19.49
N ILE C 22 0.12 -5.07 20.81
CA ILE C 22 0.64 -6.25 21.51
C ILE C 22 -0.31 -7.43 21.22
N LYS C 23 -1.61 -7.18 21.33
CA LYS C 23 -2.65 -8.19 21.08
C LYS C 23 -2.74 -8.61 19.61
N LEU C 24 -2.52 -7.65 18.71
CA LEU C 24 -2.54 -7.93 17.26
C LEU C 24 -1.40 -8.87 16.89
N MET C 25 -0.19 -8.55 17.37
CA MET C 25 0.98 -9.38 17.06
C MET C 25 0.86 -10.77 17.68
N GLY C 26 0.15 -10.84 18.81
CA GLY C 26 -0.09 -12.10 19.49
C GLY C 26 -1.03 -12.95 18.65
N PHE C 27 -2.06 -12.30 18.11
CA PHE C 27 -3.05 -12.96 17.25
C PHE C 27 -2.37 -13.52 16.00
N VAL C 28 -1.54 -12.68 15.34
CA VAL C 28 -0.82 -13.08 14.13
C VAL C 28 0.09 -14.28 14.42
N ALA C 29 0.81 -14.24 15.54
CA ALA C 29 1.72 -15.33 15.96
C ALA C 29 0.95 -16.63 16.18
N GLU C 30 -0.26 -16.52 16.75
CA GLU C 30 -1.14 -17.67 17.01
C GLU C 30 -1.70 -18.23 15.71
N GLU C 31 -2.04 -17.34 14.78
CA GLU C 31 -2.54 -17.73 13.45
C GLU C 31 -1.48 -18.53 12.68
N ARG C 32 -0.21 -18.12 12.84
CA ARG C 32 0.92 -18.79 12.18
C ARG C 32 1.19 -20.20 12.73
N LYS C 33 0.71 -20.47 13.94
CA LYS C 33 0.89 -21.79 14.57
C LYS C 33 -0.08 -22.81 13.98
N HIS C 34 -1.23 -22.32 13.52
CA HIS C 34 -2.28 -23.19 12.95
C HIS C 34 -2.48 -23.13 11.45
N TYR C 35 -2.19 -21.97 10.86
CA TYR C 35 -2.38 -21.74 9.43
C TYR C 35 -1.18 -21.09 8.78
N THR C 36 -1.23 -21.01 7.44
CA THR C 36 -0.19 -20.34 6.67
C THR C 36 -0.72 -18.90 6.56
N VAL C 37 0.10 -17.95 6.99
CA VAL C 37 -0.25 -16.51 6.97
C VAL C 37 0.70 -15.78 6.02
N TYR C 38 0.13 -14.85 5.25
CA TYR C 38 0.89 -14.06 4.27
C TYR C 38 0.90 -12.57 4.64
N PRO C 39 2.05 -11.87 4.43
CA PRO C 39 3.34 -12.35 3.93
C PRO C 39 4.13 -12.96 5.10
N PRO C 40 5.30 -13.60 4.83
CA PRO C 40 6.09 -14.18 5.94
C PRO C 40 6.47 -13.06 6.94
N PRO C 41 6.83 -13.38 8.20
CA PRO C 41 7.19 -12.37 9.22
C PRO C 41 8.12 -11.25 8.79
N HIS C 42 9.18 -11.62 8.09
CA HIS C 42 10.18 -10.67 7.63
C HIS C 42 9.77 -9.74 6.51
N GLN C 43 8.61 -9.99 5.93
CA GLN C 43 8.09 -9.19 4.84
C GLN C 43 6.81 -8.40 5.13
N VAL C 44 6.31 -8.47 6.37
CA VAL C 44 5.10 -7.74 6.75
C VAL C 44 5.31 -6.21 6.66
N PHE C 45 6.53 -5.78 6.94
CA PHE C 45 6.89 -4.36 6.96
C PHE C 45 7.86 -3.89 5.87
N THR C 46 7.86 -4.56 4.71
CA THR C 46 8.75 -4.20 3.59
C THR C 46 8.46 -2.78 3.08
N TRP C 47 7.24 -2.30 3.33
CA TRP C 47 6.83 -0.95 2.95
C TRP C 47 7.56 0.14 3.73
N THR C 48 8.29 -0.29 4.77
CA THR C 48 9.10 0.62 5.59
C THR C 48 10.57 0.62 5.18
N GLN C 49 10.94 -0.30 4.30
CA GLN C 49 12.35 -0.48 3.90
C GLN C 49 12.78 0.07 2.55
N MET C 50 11.85 0.66 1.81
CA MET C 50 12.13 1.17 0.47
C MET C 50 12.61 2.59 0.32
N CYS C 51 12.17 3.45 1.24
CA CYS C 51 12.57 4.86 1.25
C CYS C 51 12.40 5.38 2.67
N ASP C 52 12.96 6.56 2.93
CA ASP C 52 12.85 7.21 4.24
C ASP C 52 11.41 7.72 4.36
N ILE C 53 10.89 7.77 5.59
CA ILE C 53 9.53 8.23 5.85
C ILE C 53 9.27 9.68 5.40
N LYS C 54 10.33 10.49 5.46
CA LYS C 54 10.26 11.89 5.06
C LYS C 54 10.34 12.09 3.56
N ASP C 55 10.62 11.00 2.83
CA ASP C 55 10.72 11.03 1.38
C ASP C 55 9.45 10.53 0.68
N VAL C 56 8.42 10.21 1.47
CA VAL C 56 7.13 9.73 0.96
C VAL C 56 6.38 10.92 0.35
N LYS C 57 5.97 10.76 -0.91
CA LYS C 57 5.26 11.80 -1.65
C LYS C 57 3.87 11.33 -2.06
N VAL C 58 3.74 10.02 -2.27
CA VAL C 58 2.47 9.40 -2.69
C VAL C 58 2.20 8.18 -1.81
N VAL C 59 0.93 7.94 -1.49
CA VAL C 59 0.54 6.77 -0.70
C VAL C 59 -0.57 6.02 -1.44
N ILE C 60 -0.28 4.77 -1.82
CA ILE C 60 -1.29 3.92 -2.47
C ILE C 60 -1.76 2.98 -1.36
N LEU C 61 -3.06 2.99 -1.10
CA LEU C 61 -3.63 2.12 -0.07
C LEU C 61 -4.61 1.10 -0.63
N GLY C 62 -4.27 -0.18 -0.42
CA GLY C 62 -5.10 -1.28 -0.85
C GLY C 62 -5.84 -1.85 0.34
N GLN C 63 -6.43 -3.03 0.17
CA GLN C 63 -7.22 -3.69 1.21
C GLN C 63 -6.41 -4.54 2.19
N ASP C 64 -5.86 -5.65 1.69
CA ASP C 64 -5.06 -6.57 2.50
C ASP C 64 -4.07 -7.28 1.55
N PRO C 65 -3.09 -8.07 2.06
CA PRO C 65 -2.15 -8.71 1.13
C PRO C 65 -2.73 -9.80 0.25
N TYR C 66 -1.98 -10.18 -0.79
CA TYR C 66 -2.39 -11.28 -1.67
C TYR C 66 -2.44 -12.52 -0.79
N HIS C 67 -3.46 -13.34 -0.97
CA HIS C 67 -3.66 -14.51 -0.14
C HIS C 67 -3.27 -15.87 -0.74
N GLY C 68 -2.48 -15.85 -1.82
CA GLY C 68 -2.03 -17.06 -2.46
C GLY C 68 -0.55 -17.30 -2.22
N PRO C 69 -0.04 -18.55 -2.37
CA PRO C 69 1.39 -18.81 -2.14
C PRO C 69 2.36 -17.98 -2.98
N ASN C 70 3.48 -17.62 -2.34
CA ASN C 70 4.60 -16.83 -2.91
C ASN C 70 4.24 -15.46 -3.50
N GLN C 71 3.08 -14.93 -3.13
CA GLN C 71 2.65 -13.65 -3.69
C GLN C 71 2.98 -12.38 -2.89
N ALA C 72 2.34 -12.21 -1.75
CA ALA C 72 2.53 -11.03 -0.91
C ALA C 72 3.94 -10.94 -0.36
N HIS C 73 4.52 -9.75 -0.46
CA HIS C 73 5.86 -9.53 0.07
C HIS C 73 5.98 -8.18 0.80
N GLY C 74 4.84 -7.66 1.26
CA GLY C 74 4.83 -6.41 2.03
C GLY C 74 4.65 -5.09 1.31
N LEU C 75 4.63 -5.12 -0.01
CA LEU C 75 4.39 -3.91 -0.81
C LEU C 75 3.06 -4.20 -1.51
N CYS C 76 2.07 -3.32 -1.30
CA CYS C 76 0.76 -3.54 -1.90
C CYS C 76 0.80 -3.72 -3.42
N PHE C 77 0.07 -4.74 -3.86
CA PHE C 77 -0.10 -5.13 -5.27
C PHE C 77 1.12 -5.68 -5.99
N SER C 78 2.23 -5.78 -5.28
CA SER C 78 3.50 -6.26 -5.81
C SER C 78 3.76 -7.75 -5.61
N VAL C 79 4.48 -8.35 -6.56
CA VAL C 79 4.90 -9.75 -6.48
C VAL C 79 6.32 -9.83 -7.01
N GLN C 80 7.20 -10.49 -6.27
CA GLN C 80 8.61 -10.63 -6.67
C GLN C 80 8.76 -11.66 -7.77
N ARG C 81 9.79 -11.50 -8.61
CA ARG C 81 10.09 -12.42 -9.71
C ARG C 81 10.39 -13.80 -9.09
N PRO C 82 10.01 -14.92 -9.76
CA PRO C 82 9.33 -15.09 -11.05
C PRO C 82 7.80 -15.20 -11.00
N VAL C 83 7.19 -14.74 -9.90
CA VAL C 83 5.73 -14.81 -9.73
C VAL C 83 5.05 -13.87 -10.73
N PRO C 84 4.09 -14.39 -11.52
CA PRO C 84 3.41 -13.52 -12.49
C PRO C 84 2.45 -12.53 -11.82
N PRO C 85 2.21 -11.35 -12.43
CA PRO C 85 1.30 -10.37 -11.85
C PRO C 85 -0.09 -10.97 -11.63
N PRO C 86 -0.61 -10.91 -10.38
CA PRO C 86 -1.94 -11.47 -10.11
C PRO C 86 -3.00 -10.58 -10.78
N PRO C 87 -4.28 -11.02 -10.85
CA PRO C 87 -5.32 -10.22 -11.50
C PRO C 87 -5.45 -8.73 -11.17
N SER C 88 -5.33 -8.37 -9.89
CA SER C 88 -5.40 -6.96 -9.47
C SER C 88 -4.29 -6.12 -10.11
N LEU C 89 -3.09 -6.68 -10.20
CA LEU C 89 -1.94 -5.98 -10.79
C LEU C 89 -2.01 -5.91 -12.32
N GLU C 90 -2.62 -6.91 -12.95
CA GLU C 90 -2.78 -6.90 -14.40
C GLU C 90 -3.75 -5.76 -14.77
N ASN C 91 -4.70 -5.51 -13.88
CA ASN C 91 -5.67 -4.43 -14.07
C ASN C 91 -5.03 -3.05 -13.84
N ILE C 92 -4.08 -2.98 -12.89
CA ILE C 92 -3.35 -1.74 -12.60
C ILE C 92 -2.51 -1.39 -13.82
N TYR C 93 -1.89 -2.42 -14.40
CA TYR C 93 -1.05 -2.27 -15.61
C TYR C 93 -1.83 -1.85 -16.84
N LYS C 94 -3.07 -2.32 -16.94
CA LYS C 94 -3.96 -1.97 -18.05
C LYS C 94 -4.36 -0.51 -17.94
N GLU C 95 -4.66 -0.06 -16.72
CA GLU C 95 -5.03 1.34 -16.48
C GLU C 95 -3.85 2.25 -16.72
N LEU C 96 -2.66 1.80 -16.31
CA LEU C 96 -1.43 2.57 -16.51
C LEU C 96 -1.09 2.73 -18.00
N SER C 97 -1.38 1.70 -18.79
CA SER C 97 -1.10 1.71 -20.24
C SER C 97 -1.98 2.73 -20.97
N THR C 98 -3.22 2.88 -20.53
CA THR C 98 -4.15 3.83 -21.15
C THR C 98 -3.99 5.25 -20.59
N ASP C 99 -3.53 5.33 -19.34
CA ASP C 99 -3.32 6.60 -18.63
C ASP C 99 -1.98 7.29 -18.96
N ILE C 100 -0.89 6.52 -18.94
CA ILE C 100 0.45 7.01 -19.21
C ILE C 100 0.88 6.50 -20.58
N GLU C 101 1.10 7.43 -21.51
CA GLU C 101 1.48 7.11 -22.89
C GLU C 101 2.71 6.20 -23.04
N ASP C 102 3.72 6.43 -22.20
CA ASP C 102 4.95 5.64 -22.25
C ASP C 102 4.89 4.26 -21.58
N PHE C 103 3.87 4.02 -20.76
CA PHE C 103 3.76 2.75 -20.05
C PHE C 103 3.35 1.53 -20.86
N VAL C 104 4.14 0.47 -20.66
CA VAL C 104 3.93 -0.85 -21.27
C VAL C 104 4.13 -1.86 -20.14
N HIS C 105 3.53 -3.04 -20.28
CA HIS C 105 3.65 -4.12 -19.28
C HIS C 105 5.16 -4.43 -19.14
N PRO C 106 5.73 -4.29 -17.92
CA PRO C 106 7.16 -4.55 -17.68
C PRO C 106 7.67 -5.99 -17.70
N GLY C 107 6.76 -6.95 -17.79
CA GLY C 107 7.17 -8.35 -17.83
C GLY C 107 7.34 -9.01 -16.48
N HIS C 108 7.05 -8.26 -15.41
CA HIS C 108 7.13 -8.75 -14.04
C HIS C 108 6.12 -7.99 -13.18
N GLY C 109 6.06 -8.34 -11.90
CA GLY C 109 5.14 -7.66 -11.01
C GLY C 109 5.75 -6.99 -9.79
N ASP C 110 7.07 -6.84 -9.77
CA ASP C 110 7.77 -6.22 -8.64
C ASP C 110 7.68 -4.69 -8.70
N LEU C 111 6.96 -4.13 -7.72
CA LEU C 111 6.76 -2.68 -7.63
C LEU C 111 7.75 -1.92 -6.76
N SER C 112 8.90 -2.54 -6.48
CA SER C 112 9.96 -1.92 -5.67
C SER C 112 10.42 -0.57 -6.22
N GLY C 113 10.42 -0.49 -7.56
CA GLY C 113 10.83 0.73 -8.26
C GLY C 113 9.98 1.96 -7.96
N TRP C 114 8.69 1.74 -7.65
CA TRP C 114 7.79 2.83 -7.30
C TRP C 114 8.06 3.23 -5.87
N ALA C 115 8.17 2.22 -5.01
CA ALA C 115 8.41 2.41 -3.60
C ALA C 115 9.70 3.19 -3.31
N LYS C 116 10.72 2.97 -4.14
CA LYS C 116 12.01 3.64 -4.01
C LYS C 116 11.96 5.12 -4.38
N GLN C 117 10.92 5.51 -5.11
CA GLN C 117 10.70 6.90 -5.52
C GLN C 117 9.89 7.71 -4.52
N GLY C 118 9.40 7.05 -3.47
CA GLY C 118 8.62 7.73 -2.47
C GLY C 118 7.14 7.40 -2.53
N VAL C 119 6.81 6.26 -3.13
CA VAL C 119 5.43 5.82 -3.19
C VAL C 119 5.22 4.77 -2.11
N LEU C 120 4.50 5.13 -1.04
CA LEU C 120 4.21 4.18 0.02
C LEU C 120 3.16 3.20 -0.51
N LEU C 121 3.53 1.92 -0.54
CA LEU C 121 2.66 0.86 -1.03
C LEU C 121 2.09 0.10 0.15
N LEU C 122 1.04 0.68 0.73
CA LEU C 122 0.41 0.15 1.94
C LEU C 122 -0.95 -0.50 1.74
N ASN C 123 -1.32 -1.38 2.68
CA ASN C 123 -2.63 -2.02 2.69
C ASN C 123 -3.21 -1.64 4.04
N ALA C 124 -4.54 -1.55 4.13
CA ALA C 124 -5.22 -1.19 5.40
C ALA C 124 -4.94 -2.28 6.45
N VAL C 125 -4.86 -3.52 5.98
CA VAL C 125 -4.59 -4.70 6.80
C VAL C 125 -3.28 -5.29 6.27
N LEU C 126 -2.38 -5.69 7.18
CA LEU C 126 -1.06 -6.15 6.77
C LEU C 126 -0.70 -7.63 6.76
N THR C 127 -1.65 -8.47 7.20
CA THR C 127 -1.48 -9.92 7.14
C THR C 127 -2.80 -10.52 6.65
N VAL C 128 -2.75 -11.77 6.20
CA VAL C 128 -3.94 -12.49 5.72
C VAL C 128 -3.73 -13.99 5.86
N ARG C 129 -4.78 -14.69 6.27
CA ARG C 129 -4.71 -16.14 6.37
C ARG C 129 -4.84 -16.65 4.94
N ALA C 130 -4.05 -17.66 4.60
CA ALA C 130 -4.04 -18.25 3.26
C ALA C 130 -5.42 -18.55 2.68
N HIS C 131 -5.59 -18.21 1.40
CA HIS C 131 -6.84 -18.42 0.61
C HIS C 131 -8.10 -17.71 1.10
N GLN C 132 -7.98 -16.84 2.10
CA GLN C 132 -9.14 -16.15 2.67
C GLN C 132 -8.99 -14.64 2.72
N ALA C 133 -9.54 -13.95 1.71
CA ALA C 133 -9.45 -12.49 1.59
C ALA C 133 -10.05 -11.74 2.76
N ASN C 134 -9.31 -10.75 3.28
CA ASN C 134 -9.73 -9.91 4.41
C ASN C 134 -9.96 -10.65 5.73
N SER C 135 -9.39 -11.84 5.86
CA SER C 135 -9.53 -12.67 7.07
C SER C 135 -8.92 -12.09 8.34
N HIS C 136 -7.95 -11.19 8.19
CA HIS C 136 -7.30 -10.56 9.34
C HIS C 136 -7.77 -9.13 9.59
N LYS C 137 -8.92 -8.76 9.03
CA LYS C 137 -9.48 -7.44 9.23
C LYS C 137 -10.05 -7.32 10.65
N GLU C 138 -10.15 -6.08 11.12
CA GLU C 138 -10.69 -5.73 12.45
C GLU C 138 -10.04 -6.45 13.63
N ARG C 139 -8.74 -6.66 13.51
CA ARG C 139 -7.95 -7.34 14.54
C ARG C 139 -6.92 -6.42 15.17
N GLY C 140 -6.84 -5.19 14.64
CA GLY C 140 -5.90 -4.20 15.12
C GLY C 140 -5.03 -3.57 14.03
N TRP C 141 -4.97 -4.18 12.84
CA TRP C 141 -4.15 -3.61 11.77
C TRP C 141 -4.60 -2.24 11.33
N GLU C 142 -5.91 -2.04 11.31
CA GLU C 142 -6.49 -0.75 10.89
C GLU C 142 -6.07 0.38 11.83
N GLN C 143 -5.95 0.10 13.13
CA GLN C 143 -5.51 1.15 14.06
C GLN C 143 -4.03 1.47 13.82
N PHE C 144 -3.23 0.48 13.44
CA PHE C 144 -1.82 0.71 13.16
C PHE C 144 -1.63 1.48 11.85
N THR C 145 -2.38 1.10 10.81
CA THR C 145 -2.25 1.80 9.53
C THR C 145 -2.89 3.20 9.59
N ASP C 146 -3.77 3.42 10.57
CA ASP C 146 -4.38 4.73 10.84
C ASP C 146 -3.29 5.59 11.44
N ALA C 147 -2.43 4.99 12.27
CA ALA C 147 -1.31 5.70 12.90
C ALA C 147 -0.29 6.14 11.82
N VAL C 148 -0.08 5.28 10.82
CA VAL C 148 0.84 5.57 9.70
C VAL C 148 0.29 6.73 8.87
N VAL C 149 -1.00 6.64 8.52
CA VAL C 149 -1.65 7.68 7.73
C VAL C 149 -1.74 9.01 8.50
N SER C 150 -2.05 8.94 9.79
CA SER C 150 -2.15 10.13 10.63
C SER C 150 -0.81 10.83 10.82
N TRP C 151 0.28 10.05 10.88
CA TRP C 151 1.62 10.63 11.02
C TRP C 151 1.93 11.43 9.76
N LEU C 152 1.70 10.81 8.59
CA LEU C 152 1.95 11.44 7.29
C LEU C 152 1.09 12.68 7.10
N ASN C 153 -0.15 12.59 7.57
CA ASN C 153 -1.11 13.70 7.49
C ASN C 153 -0.68 14.92 8.31
N GLN C 154 -0.31 14.69 9.56
CA GLN C 154 0.08 15.74 10.51
C GLN C 154 1.45 16.35 10.25
N ASN C 155 2.40 15.53 9.80
CA ASN C 155 3.77 15.98 9.59
C ASN C 155 4.25 16.30 8.18
N SER C 156 3.34 16.23 7.21
CA SER C 156 3.67 16.54 5.82
C SER C 156 2.57 17.42 5.24
N ASN C 157 2.84 17.95 4.05
CA ASN C 157 1.90 18.79 3.32
C ASN C 157 1.98 18.47 1.83
N GLY C 158 0.82 18.40 1.19
CA GLY C 158 0.77 18.13 -0.24
C GLY C 158 0.99 16.73 -0.74
N LEU C 159 0.70 15.71 0.08
CA LEU C 159 0.85 14.32 -0.35
C LEU C 159 -0.36 13.93 -1.19
N VAL C 160 -0.18 12.89 -2.00
CA VAL C 160 -1.26 12.34 -2.82
C VAL C 160 -1.62 10.95 -2.26
N PHE C 161 -2.86 10.78 -1.83
CA PHE C 161 -3.35 9.51 -1.28
C PHE C 161 -4.29 8.88 -2.30
N LEU C 162 -3.97 7.66 -2.72
CA LEU C 162 -4.77 6.89 -3.68
C LEU C 162 -5.43 5.77 -2.86
N LEU C 163 -6.71 5.95 -2.56
CA LEU C 163 -7.46 4.99 -1.75
C LEU C 163 -8.30 4.07 -2.63
N TRP C 164 -7.81 2.85 -2.80
CA TRP C 164 -8.44 1.86 -3.67
C TRP C 164 -9.29 0.83 -2.95
N GLY C 165 -10.61 0.96 -3.12
CA GLY C 165 -11.54 0.05 -2.48
C GLY C 165 -12.15 0.60 -1.22
N SER C 166 -13.26 -0.01 -0.80
CA SER C 166 -14.01 0.41 0.39
C SER C 166 -13.22 0.42 1.69
N TYR C 167 -12.40 -0.62 1.90
CA TYR C 167 -11.61 -0.71 3.12
C TYR C 167 -10.51 0.35 3.23
N ALA C 168 -9.87 0.64 2.10
CA ALA C 168 -8.83 1.66 2.03
C ALA C 168 -9.45 3.04 2.25
N GLN C 169 -10.66 3.21 1.71
CA GLN C 169 -11.40 4.46 1.80
C GLN C 169 -11.82 4.89 3.19
N LYS C 170 -11.79 3.96 4.15
CA LYS C 170 -12.12 4.25 5.55
C LYS C 170 -11.08 5.19 6.17
N LYS C 171 -9.92 5.28 5.53
CA LYS C 171 -8.85 6.14 6.01
C LYS C 171 -8.95 7.58 5.55
N GLY C 172 -10.00 7.87 4.77
CA GLY C 172 -10.26 9.21 4.26
C GLY C 172 -10.49 10.24 5.38
N SER C 173 -11.09 9.79 6.49
CA SER C 173 -11.36 10.65 7.63
C SER C 173 -10.13 10.98 8.51
N ALA C 174 -9.02 10.31 8.24
CA ALA C 174 -7.76 10.53 8.95
C ALA C 174 -6.86 11.51 8.19
N ILE C 175 -7.35 11.97 7.04
CA ILE C 175 -6.61 12.89 6.18
C ILE C 175 -7.30 14.24 6.02
N ASP C 176 -6.52 15.33 6.15
CA ASP C 176 -7.04 16.69 5.98
C ASP C 176 -7.08 16.86 4.45
N ARG C 177 -8.32 16.88 3.93
CA ARG C 177 -8.60 16.97 2.50
C ARG C 177 -8.22 18.27 1.82
N LYS C 178 -7.93 19.30 2.63
CA LYS C 178 -7.53 20.61 2.13
C LYS C 178 -6.02 20.75 2.07
N ARG C 179 -5.30 19.90 2.80
CA ARG C 179 -3.84 19.95 2.85
C ARG C 179 -3.15 18.89 2.02
N HIS C 180 -3.89 17.82 1.73
CA HIS C 180 -3.41 16.70 0.93
C HIS C 180 -4.46 16.38 -0.13
N HIS C 181 -4.01 15.71 -1.18
CA HIS C 181 -4.88 15.32 -2.29
C HIS C 181 -5.30 13.86 -2.14
N VAL C 182 -6.60 13.65 -1.91
CA VAL C 182 -7.13 12.30 -1.74
C VAL C 182 -7.95 11.91 -2.96
N LEU C 183 -7.49 10.85 -3.62
CA LEU C 183 -8.13 10.31 -4.81
C LEU C 183 -8.68 8.94 -4.44
N GLN C 184 -9.99 8.77 -4.65
CA GLN C 184 -10.67 7.53 -4.29
C GLN C 184 -11.34 6.84 -5.49
N THR C 185 -11.18 5.53 -5.59
CA THR C 185 -11.81 4.74 -6.66
C THR C 185 -12.00 3.30 -6.21
N ALA C 186 -12.67 2.50 -7.05
CA ALA C 186 -12.91 1.09 -6.75
C ALA C 186 -11.60 0.31 -6.75
N HIS C 187 -11.62 -0.83 -6.06
CA HIS C 187 -10.45 -1.70 -5.98
C HIS C 187 -10.18 -2.31 -7.38
N PRO C 188 -8.89 -2.44 -7.79
CA PRO C 188 -8.53 -3.01 -9.10
C PRO C 188 -8.81 -4.49 -9.34
N SER C 189 -9.31 -5.20 -8.33
CA SER C 189 -9.66 -6.63 -8.46
C SER C 189 -10.72 -6.80 -9.57
N PRO C 190 -10.68 -7.90 -10.36
CA PRO C 190 -11.68 -8.11 -11.43
C PRO C 190 -13.13 -7.99 -10.94
N LEU C 191 -13.35 -8.31 -9.67
CA LEU C 191 -14.66 -8.26 -9.04
C LEU C 191 -15.21 -6.85 -8.84
N SER C 192 -14.34 -5.84 -8.91
CA SER C 192 -14.74 -4.45 -8.66
C SER C 192 -14.18 -3.41 -9.63
N VAL C 193 -13.21 -3.80 -10.45
CA VAL C 193 -12.54 -2.88 -11.39
C VAL C 193 -13.43 -2.01 -12.29
N TYR C 194 -14.56 -2.56 -12.71
CA TYR C 194 -15.49 -1.83 -13.56
C TYR C 194 -16.37 -0.82 -12.83
N ARG C 195 -16.20 -0.72 -11.51
CA ARG C 195 -16.95 0.22 -10.70
C ARG C 195 -16.22 1.56 -10.56
N GLY C 196 -15.21 1.79 -11.40
CA GLY C 196 -14.50 3.06 -11.36
C GLY C 196 -13.00 3.06 -11.58
N PHE C 197 -12.34 1.94 -11.28
CA PHE C 197 -10.88 1.87 -11.44
C PHE C 197 -10.44 2.10 -12.89
N PHE C 198 -11.03 1.35 -13.83
CA PHE C 198 -10.72 1.55 -15.24
C PHE C 198 -11.24 2.94 -15.63
N GLY C 199 -10.31 3.79 -16.03
CA GLY C 199 -10.64 5.16 -16.40
C GLY C 199 -10.46 6.17 -15.29
N CYS C 200 -9.98 5.74 -14.11
CA CYS C 200 -9.77 6.66 -12.97
C CYS C 200 -8.63 7.66 -13.19
N ARG C 201 -7.70 7.29 -14.06
CA ARG C 201 -6.52 8.08 -14.42
C ARG C 201 -5.71 8.60 -13.22
N HIS C 202 -5.65 7.80 -12.15
CA HIS C 202 -4.96 8.17 -10.91
C HIS C 202 -3.48 8.46 -11.05
N PHE C 203 -2.84 7.77 -11.99
CA PHE C 203 -1.39 7.91 -12.20
C PHE C 203 -0.96 9.23 -12.83
N SER C 204 -1.69 9.68 -13.86
CA SER C 204 -1.39 10.97 -14.49
C SER C 204 -1.81 12.10 -13.55
N LYS C 205 -2.96 11.93 -12.90
CA LYS C 205 -3.49 12.90 -11.93
C LYS C 205 -2.55 13.12 -10.75
N THR C 206 -1.91 12.04 -10.29
CA THR C 206 -0.95 12.10 -9.19
C THR C 206 0.25 12.97 -9.58
N ASN C 207 0.78 12.76 -10.78
CA ASN C 207 1.92 13.51 -11.29
C ASN C 207 1.65 14.99 -11.52
N GLU C 208 0.42 15.31 -11.93
CA GLU C 208 -0.01 16.69 -12.16
C GLU C 208 -0.18 17.41 -10.83
N LEU C 209 -0.64 16.69 -9.81
CA LEU C 209 -0.85 17.25 -8.47
C LEU C 209 0.48 17.45 -7.74
N LEU C 210 1.47 16.62 -8.08
CA LEU C 210 2.81 16.72 -7.50
C LEU C 210 3.56 17.89 -8.12
N GLN C 211 3.45 18.03 -9.45
CA GLN C 211 4.09 19.11 -10.22
C GLN C 211 3.55 20.50 -9.89
N LYS C 212 2.31 20.53 -9.41
CA LYS C 212 1.62 21.78 -9.03
C LYS C 212 2.16 22.25 -7.67
N SER C 213 2.57 21.29 -6.84
CA SER C 213 3.11 21.58 -5.50
C SER C 213 4.63 21.76 -5.52
N GLY C 214 5.21 21.74 -6.73
CA GLY C 214 6.64 21.91 -6.91
C GLY C 214 7.49 20.67 -6.70
N LYS C 215 6.84 19.52 -6.49
CA LYS C 215 7.52 18.25 -6.26
C LYS C 215 7.73 17.47 -7.57
N LYS C 216 8.77 16.64 -7.61
CA LYS C 216 9.10 15.83 -8.79
C LYS C 216 8.06 14.70 -9.00
N PRO C 217 7.61 14.49 -10.26
CA PRO C 217 6.62 13.44 -10.56
C PRO C 217 7.18 12.02 -10.45
N ILE C 218 6.28 11.04 -10.33
CA ILE C 218 6.67 9.65 -10.24
C ILE C 218 6.83 9.12 -11.66
N ASP C 219 7.93 8.37 -11.86
CA ASP C 219 8.21 7.73 -13.14
C ASP C 219 7.60 6.35 -12.93
N TRP C 220 6.36 6.20 -13.40
CA TRP C 220 5.62 4.93 -13.26
C TRP C 220 6.22 3.77 -14.04
N LYS C 221 7.09 4.12 -14.98
CA LYS C 221 7.77 3.15 -15.82
C LYS C 221 9.07 2.67 -15.15
N GLU C 222 9.51 3.34 -14.10
CA GLU C 222 10.76 2.96 -13.40
C GLU C 222 10.51 1.75 -12.48
N LEU C 223 10.51 0.57 -13.10
CA LEU C 223 10.28 -0.72 -12.44
C LEU C 223 11.40 -1.71 -12.72
#